data_3G2R
# 
_entry.id   3G2R 
# 
_audit_conform.dict_name       mmcif_pdbx.dic 
_audit_conform.dict_version    5.388 
_audit_conform.dict_location   http://mmcif.pdb.org/dictionaries/ascii/mmcif_pdbx.dic 
# 
loop_
_database_2.database_id 
_database_2.database_code 
_database_2.pdbx_database_accession 
_database_2.pdbx_DOI 
PDB   3G2R         pdb_00003g2r 10.2210/pdb3g2r/pdb 
NDB   ZD0030       ?            ?                   
RCSB  RCSB051349   ?            ?                   
WWPDB D_1000051349 ?            ?                   
# 
loop_
_pdbx_audit_revision_history.ordinal 
_pdbx_audit_revision_history.data_content_type 
_pdbx_audit_revision_history.major_revision 
_pdbx_audit_revision_history.minor_revision 
_pdbx_audit_revision_history.revision_date 
1 'Structure model' 1 0 2009-03-03 
2 'Structure model' 1 1 2011-07-13 
3 'Structure model' 1 2 2024-03-20 
# 
_pdbx_audit_revision_details.ordinal             1 
_pdbx_audit_revision_details.revision_ordinal    1 
_pdbx_audit_revision_details.data_content_type   'Structure model' 
_pdbx_audit_revision_details.provider            repository 
_pdbx_audit_revision_details.type                'Initial release' 
_pdbx_audit_revision_details.description         ? 
_pdbx_audit_revision_details.details             ? 
# 
loop_
_pdbx_audit_revision_group.ordinal 
_pdbx_audit_revision_group.revision_ordinal 
_pdbx_audit_revision_group.data_content_type 
_pdbx_audit_revision_group.group 
1 2 'Structure model' 'Version format compliance' 
2 3 'Structure model' 'Data collection'           
3 3 'Structure model' 'Database references'       
4 3 'Structure model' 'Derived calculations'      
# 
loop_
_pdbx_audit_revision_category.ordinal 
_pdbx_audit_revision_category.revision_ordinal 
_pdbx_audit_revision_category.data_content_type 
_pdbx_audit_revision_category.category 
1 3 'Structure model' chem_comp_atom 
2 3 'Structure model' chem_comp_bond 
3 3 'Structure model' database_2     
4 3 'Structure model' struct_site    
# 
loop_
_pdbx_audit_revision_item.ordinal 
_pdbx_audit_revision_item.revision_ordinal 
_pdbx_audit_revision_item.data_content_type 
_pdbx_audit_revision_item.item 
1 3 'Structure model' '_database_2.pdbx_DOI'                
2 3 'Structure model' '_database_2.pdbx_database_accession' 
3 3 'Structure model' '_struct_site.pdbx_auth_asym_id'      
4 3 'Structure model' '_struct_site.pdbx_auth_comp_id'      
5 3 'Structure model' '_struct_site.pdbx_auth_seq_id'       
# 
_pdbx_database_status.status_code                     REL 
_pdbx_database_status.entry_id                        3G2R 
_pdbx_database_status.recvd_initial_deposition_date   2009-02-01 
_pdbx_database_status.deposit_site                    RCSB 
_pdbx_database_status.process_site                    PDBJ 
_pdbx_database_status.status_code_sf                  REL 
_pdbx_database_status.status_code_mr                  ? 
_pdbx_database_status.SG_entry                        . 
_pdbx_database_status.pdb_format_compatible           Y 
_pdbx_database_status.status_code_cs                  ? 
_pdbx_database_status.status_code_nmr_data            ? 
_pdbx_database_status.methods_development_category    ? 
# 
_pdbx_database_related.db_name        PDB 
_pdbx_database_related.db_id          3G2A 
_pdbx_database_related.details        'Crystal structure of d(CACGCG)d(CGCGTG) grown in presence of MnCl2' 
_pdbx_database_related.content_type   unspecified 
# 
loop_
_audit_author.name 
_audit_author.pdbx_ordinal 
'Venkadesh, S.' 1 
'Mandal, P.K.'  2 
'Kannan, R.'    3 
'Gautham, N.'   4 
# 
_citation.id                        primary 
_citation.title                     'Crystal studies of d(CACGCG).d(CGCGTG) grown with various counter ions' 
_citation.journal_abbrev            'To be Published' 
_citation.journal_volume            ? 
_citation.page_first                ? 
_citation.page_last                 ? 
_citation.year                      ? 
_citation.journal_id_ASTM           ? 
_citation.country                   ? 
_citation.journal_id_ISSN           ? 
_citation.journal_id_CSD            0353 
_citation.book_publisher            ? 
_citation.pdbx_database_id_PubMed   ? 
_citation.pdbx_database_id_DOI      ? 
# 
loop_
_citation_author.citation_id 
_citation_author.name 
_citation_author.ordinal 
_citation_author.identifier_ORCID 
primary 'Venkadesh, S.' 1 ? 
primary 'Mandal, P.K.'  2 ? 
primary 'Kannan, R.'    3 ? 
primary 'Gautham, N.'   4 ? 
# 
loop_
_entity.id 
_entity.type 
_entity.src_method 
_entity.pdbx_description 
_entity.formula_weight 
_entity.pdbx_number_of_molecules 
_entity.pdbx_ec 
_entity.pdbx_mutation 
_entity.pdbx_fragment 
_entity.details 
1 polymer     syn "5'-D(*CP*GP*TP*GP*CP*G)-3'"        1825.216 1 ? ? ? ? 
2 non-polymer syn "2'-DEOXYCYTIDINE-5'-MONOPHOSPHATE" 307.197  1 ? ? ? ? 
3 non-polymer syn 'MANGANESE (II) ION'                54.938   1 ? ? ? ? 
4 water       nat water                               18.015   6 ? ? ? ? 
# 
_entity_poly.entity_id                      1 
_entity_poly.type                           polydeoxyribonucleotide 
_entity_poly.nstd_linkage                   no 
_entity_poly.nstd_monomer                   no 
_entity_poly.pdbx_seq_one_letter_code       '(DC)(DG)(DT)(DG)(DC)(DG)' 
_entity_poly.pdbx_seq_one_letter_code_can   CGTGCG 
_entity_poly.pdbx_strand_id                 A 
_entity_poly.pdbx_target_identifier         ? 
# 
loop_
_pdbx_entity_nonpoly.entity_id 
_pdbx_entity_nonpoly.name 
_pdbx_entity_nonpoly.comp_id 
2 "2'-DEOXYCYTIDINE-5'-MONOPHOSPHATE" DCM 
3 'MANGANESE (II) ION'                MN  
4 water                               HOH 
# 
loop_
_entity_poly_seq.entity_id 
_entity_poly_seq.num 
_entity_poly_seq.mon_id 
_entity_poly_seq.hetero 
1 1 DC n 
1 2 DG n 
1 3 DT n 
1 4 DG n 
1 5 DC n 
1 6 DG n 
# 
loop_
_chem_comp.id 
_chem_comp.type 
_chem_comp.mon_nstd_flag 
_chem_comp.name 
_chem_comp.pdbx_synonyms 
_chem_comp.formula 
_chem_comp.formula_weight 
DC  'DNA linking' y "2'-DEOXYCYTIDINE-5'-MONOPHOSPHATE"  ? 'C9 H14 N3 O7 P'  307.197 
DCM non-polymer   . "2'-DEOXYCYTIDINE-5'-MONOPHOSPHATE"  ? 'C9 H14 N3 O7 P'  307.197 
DG  'DNA linking' y "2'-DEOXYGUANOSINE-5'-MONOPHOSPHATE" ? 'C10 H14 N5 O7 P' 347.221 
DT  'DNA linking' y "THYMIDINE-5'-MONOPHOSPHATE"         ? 'C10 H15 N2 O8 P' 322.208 
HOH non-polymer   . WATER                                ? 'H2 O'            18.015  
MN  non-polymer   . 'MANGANESE (II) ION'                 ? 'Mn 2'            54.938  
# 
loop_
_pdbx_poly_seq_scheme.asym_id 
_pdbx_poly_seq_scheme.entity_id 
_pdbx_poly_seq_scheme.seq_id 
_pdbx_poly_seq_scheme.mon_id 
_pdbx_poly_seq_scheme.ndb_seq_num 
_pdbx_poly_seq_scheme.pdb_seq_num 
_pdbx_poly_seq_scheme.auth_seq_num 
_pdbx_poly_seq_scheme.pdb_mon_id 
_pdbx_poly_seq_scheme.auth_mon_id 
_pdbx_poly_seq_scheme.pdb_strand_id 
_pdbx_poly_seq_scheme.pdb_ins_code 
_pdbx_poly_seq_scheme.hetero 
A 1 1 DC 1 1 1 DC C A . n 
A 1 2 DG 2 2 2 DG G A . n 
A 1 3 DT 3 3 3 DT T A . n 
A 1 4 DG 4 4 4 DG G A . n 
A 1 5 DC 5 5 5 DC C A . n 
A 1 6 DG 6 6 6 DG G A . n 
# 
loop_
_pdbx_nonpoly_scheme.asym_id 
_pdbx_nonpoly_scheme.entity_id 
_pdbx_nonpoly_scheme.mon_id 
_pdbx_nonpoly_scheme.ndb_seq_num 
_pdbx_nonpoly_scheme.pdb_seq_num 
_pdbx_nonpoly_scheme.auth_seq_num 
_pdbx_nonpoly_scheme.pdb_mon_id 
_pdbx_nonpoly_scheme.auth_mon_id 
_pdbx_nonpoly_scheme.pdb_strand_id 
_pdbx_nonpoly_scheme.pdb_ins_code 
B 2 DCM 1 7  7 DCM C   A . 
C 3 MN  1 8  1 MN  MN  A . 
D 4 HOH 1 9  1 HOH HOH A . 
D 4 HOH 2 10 2 HOH HOH A . 
D 4 HOH 3 11 3 HOH HOH A . 
D 4 HOH 4 12 4 HOH HOH A . 
D 4 HOH 5 13 5 HOH HOH A . 
D 4 HOH 6 14 7 HOH HOH A . 
# 
loop_
_pdbx_unobs_or_zero_occ_atoms.id 
_pdbx_unobs_or_zero_occ_atoms.PDB_model_num 
_pdbx_unobs_or_zero_occ_atoms.polymer_flag 
_pdbx_unobs_or_zero_occ_atoms.occupancy_flag 
_pdbx_unobs_or_zero_occ_atoms.auth_asym_id 
_pdbx_unobs_or_zero_occ_atoms.auth_comp_id 
_pdbx_unobs_or_zero_occ_atoms.auth_seq_id 
_pdbx_unobs_or_zero_occ_atoms.PDB_ins_code 
_pdbx_unobs_or_zero_occ_atoms.auth_atom_id 
_pdbx_unobs_or_zero_occ_atoms.label_alt_id 
_pdbx_unobs_or_zero_occ_atoms.label_asym_id 
_pdbx_unobs_or_zero_occ_atoms.label_comp_id 
_pdbx_unobs_or_zero_occ_atoms.label_seq_id 
_pdbx_unobs_or_zero_occ_atoms.label_atom_id 
1  1 N 1 A DCM 7 ? N1    ? B DCM 1 N1    
2  1 N 1 A DCM 7 ? C2    ? B DCM 1 C2    
3  1 N 1 A DCM 7 ? N3    ? B DCM 1 N3    
4  1 N 1 A DCM 7 ? C4    ? B DCM 1 C4    
5  1 N 1 A DCM 7 ? C5    ? B DCM 1 C5    
6  1 N 1 A DCM 7 ? C6    ? B DCM 1 C6    
7  1 N 1 A DCM 7 ? O2    ? B DCM 1 O2    
8  1 N 1 A DCM 7 ? N4    ? B DCM 1 N4    
9  1 N 1 A DCM 7 ? "C1'" ? B DCM 1 "C1'" 
10 1 N 1 A DCM 7 ? "C2'" ? B DCM 1 "C2'" 
11 1 N 1 A DCM 7 ? "C3'" ? B DCM 1 "C3'" 
12 1 N 1 A DCM 7 ? "C4'" ? B DCM 1 "C4'" 
13 1 N 1 A DCM 7 ? "O4'" ? B DCM 1 "O4'" 
14 1 N 1 A DCM 7 ? "O3'" ? B DCM 1 "O3'" 
15 1 N 1 A DCM 7 ? "C5'" ? B DCM 1 "C5'" 
16 1 N 1 A DCM 7 ? "O5'" ? B DCM 1 "O5'" 
17 1 N 1 A DCM 7 ? O3P   ? B DCM 1 O3P   
# 
loop_
_software.name 
_software.classification 
_software.version 
_software.citation_id 
_software.pdbx_ordinal 
MAR345dtb 'data collection' .        ? 1 
AMoRE     phasing           .        ? 2 
REFMAC    refinement        5.2.0019 ? 3 
AUTOMAR   'data reduction'  .        ? 4 
SCALEPACK 'data scaling'    .        ? 5 
# 
_cell.entry_id           3G2R 
_cell.length_a           17.878 
_cell.length_b           30.970 
_cell.length_c           43.405 
_cell.angle_alpha        90.00 
_cell.angle_beta         90.00 
_cell.angle_gamma        90.00 
_cell.Z_PDB              8 
_cell.pdbx_unique_axis   ? 
_cell.length_a_esd       ? 
_cell.length_b_esd       ? 
_cell.length_c_esd       ? 
_cell.angle_alpha_esd    ? 
_cell.angle_beta_esd     ? 
_cell.angle_gamma_esd    ? 
# 
_symmetry.entry_id                         3G2R 
_symmetry.space_group_name_H-M             'C 2 2 21' 
_symmetry.pdbx_full_space_group_name_H-M   ? 
_symmetry.cell_setting                     ? 
_symmetry.Int_Tables_number                20 
_symmetry.space_group_name_Hall            ? 
# 
_exptl.entry_id          3G2R 
_exptl.method            'X-RAY DIFFRACTION' 
_exptl.crystals_number   1 
# 
_exptl_crystal.id                    1 
_exptl_crystal.density_meas          ? 
_exptl_crystal.density_Matthews      ? 
_exptl_crystal.density_percent_sol   ? 
_exptl_crystal.description           ? 
_exptl_crystal.F_000                 ? 
_exptl_crystal.preparation           ? 
# 
_exptl_crystal_grow.crystal_id      1 
_exptl_crystal_grow.method          'VAPOR DIFFUSION, HANGING DROP' 
_exptl_crystal_grow.temp            293 
_exptl_crystal_grow.temp_details    ? 
_exptl_crystal_grow.pH              6.99 
_exptl_crystal_grow.pdbx_details    
'50mM Sodium cacodylate, 5mM MnCl2, 1mM Spermine, 50% methyl pentane diol, pH 6.99, VAPOR DIFFUSION, HANGING DROP, temperature 293K' 
_exptl_crystal_grow.pdbx_pH_range   . 
# 
loop_
_exptl_crystal_grow_comp.crystal_id 
_exptl_crystal_grow_comp.id 
_exptl_crystal_grow_comp.sol_id 
_exptl_crystal_grow_comp.name 
_exptl_crystal_grow_comp.volume 
_exptl_crystal_grow_comp.conc 
_exptl_crystal_grow_comp.details 
1 1 1 'Sodium cacoldylate' ? ? ? 
1 2 1 MnCl2                ? ? ? 
1 3 1 Spermine             ? ? ? 
1 4 1 MPD                  ? ? ? 
1 5 2 'Sodium cacoldylate' ? ? ? 
1 6 2 MnCl2                ? ? ? 
1 7 2 MPD                  ? ? ? 
# 
_diffrn.id                     1 
_diffrn.ambient_temp           100 
_diffrn.ambient_temp_details   ? 
_diffrn.crystal_id             1 
# 
_diffrn_detector.diffrn_id              1 
_diffrn_detector.detector               'IMAGE PLATE' 
_diffrn_detector.type                   MARRESEARCH 
_diffrn_detector.pdbx_collection_date   2008-11-20 
_diffrn_detector.details                mirrors 
# 
_diffrn_radiation.diffrn_id                        1 
_diffrn_radiation.wavelength_id                    1 
_diffrn_radiation.pdbx_monochromatic_or_laue_m_l   M 
_diffrn_radiation.monochromator                    mirror 
_diffrn_radiation.pdbx_diffrn_protocol             'SINGLE WAVELENGTH' 
_diffrn_radiation.pdbx_scattering_type             x-ray 
# 
_diffrn_radiation_wavelength.id           1 
_diffrn_radiation_wavelength.wavelength   1.54 
_diffrn_radiation_wavelength.wt           1.0 
# 
_diffrn_source.diffrn_id                   1 
_diffrn_source.source                      'ROTATING ANODE' 
_diffrn_source.type                        'BRUKER AXS MICROSTAR' 
_diffrn_source.pdbx_synchrotron_site       ? 
_diffrn_source.pdbx_synchrotron_beamline   ? 
_diffrn_source.pdbx_wavelength             ? 
_diffrn_source.pdbx_wavelength_list        1.54 
# 
_reflns.entry_id                     3G2R 
_reflns.observed_criterion_sigma_I   ? 
_reflns.observed_criterion_sigma_F   ? 
_reflns.d_resolution_low             15 
_reflns.d_resolution_high            2.15 
_reflns.number_obs                   742 
_reflns.number_all                   751 
_reflns.percent_possible_obs         98.8 
_reflns.pdbx_Rmerge_I_obs            0.0410 
_reflns.pdbx_Rsym_value              0.0383 
_reflns.pdbx_netI_over_sigmaI        8.0 
_reflns.B_iso_Wilson_estimate        40.616 
_reflns.pdbx_redundancy              3.83 
_reflns.R_free_details               ? 
_reflns.limit_h_max                  ? 
_reflns.limit_h_min                  ? 
_reflns.limit_k_max                  ? 
_reflns.limit_k_min                  ? 
_reflns.limit_l_max                  ? 
_reflns.limit_l_min                  ? 
_reflns.observed_criterion_F_max     ? 
_reflns.observed_criterion_F_min     ? 
_reflns.pdbx_chi_squared             ? 
_reflns.pdbx_scaling_rejects         ? 
_reflns.pdbx_diffrn_id               1 
_reflns.pdbx_ordinal                 1 
# 
_reflns_shell.d_res_high             2.15 
_reflns_shell.d_res_low              2.23 
_reflns_shell.percent_possible_all   100 
_reflns_shell.Rmerge_I_obs           0.2377 
_reflns_shell.pdbx_Rsym_value        0.2162 
_reflns_shell.meanI_over_sigI_obs    2.0 
_reflns_shell.pdbx_redundancy        3.87 
_reflns_shell.percent_possible_obs   ? 
_reflns_shell.number_unique_all      82 
_reflns_shell.number_measured_all    ? 
_reflns_shell.number_measured_obs    ? 
_reflns_shell.number_unique_obs      ? 
_reflns_shell.pdbx_chi_squared       ? 
_reflns_shell.pdbx_diffrn_id         ? 
_reflns_shell.pdbx_ordinal           1 
# 
_refine.entry_id                                 3G2R 
_refine.ls_number_reflns_obs                     693 
_refine.ls_number_reflns_all                     694 
_refine.pdbx_ls_sigma_I                          ? 
_refine.pdbx_ls_sigma_F                          ? 
_refine.pdbx_data_cutoff_high_absF               ? 
_refine.pdbx_data_cutoff_low_absF                ? 
_refine.pdbx_data_cutoff_high_rms_absF           ? 
_refine.ls_d_res_low                             14.70 
_refine.ls_d_res_high                            2.15 
_refine.ls_percent_reflns_obs                    99.73 
_refine.ls_R_factor_obs                          0.26870 
_refine.ls_R_factor_all                          ? 
_refine.ls_R_factor_R_work                       0.26859 
_refine.ls_R_factor_R_free                       0.27015 
_refine.ls_R_factor_R_free_error                 ? 
_refine.ls_R_factor_R_free_error_details         ? 
_refine.ls_percent_reflns_R_free                 5.6 
_refine.ls_number_reflns_R_free                  41 
_refine.ls_number_parameters                     ? 
_refine.ls_number_restraints                     ? 
_refine.occupancy_min                            ? 
_refine.occupancy_max                            ? 
_refine.correlation_coeff_Fo_to_Fc               0.934 
_refine.correlation_coeff_Fo_to_Fc_free          0.950 
_refine.B_iso_mean                               30.334 
_refine.aniso_B[1][1]                            -1.12 
_refine.aniso_B[2][2]                            -0.45 
_refine.aniso_B[3][3]                            1.57 
_refine.aniso_B[1][2]                            0.00 
_refine.aniso_B[1][3]                            0.00 
_refine.aniso_B[2][3]                            0.00 
_refine.solvent_model_details                    MASK 
_refine.solvent_model_param_ksol                 ? 
_refine.solvent_model_param_bsol                 ? 
_refine.pdbx_solvent_vdw_probe_radii             1.20 
_refine.pdbx_solvent_ion_probe_radii             0.80 
_refine.pdbx_solvent_shrinkage_radii             0.80 
_refine.pdbx_ls_cross_valid_method               THROUGHOUT 
_refine.details                                  ? 
_refine.pdbx_starting_model                      ? 
_refine.pdbx_method_to_determine_struct          'MOLECULAR REPLACEMENT' 
_refine.pdbx_isotropic_thermal_model             isotropic 
_refine.pdbx_stereochemistry_target_values       'MAXIMUM LIKELIHOOD' 
_refine.pdbx_stereochem_target_val_spec_case     ? 
_refine.pdbx_R_Free_selection_details            RANDOM 
_refine.pdbx_overall_ESU_R                       0.390 
_refine.pdbx_overall_ESU_R_Free                  0.258 
_refine.overall_SU_ML                            0.188 
_refine.overall_SU_B                             7.295 
_refine.ls_redundancy_reflns_obs                 ? 
_refine.B_iso_min                                ? 
_refine.B_iso_max                                ? 
_refine.overall_SU_R_Cruickshank_DPI             ? 
_refine.overall_SU_R_free                        ? 
_refine.ls_wR_factor_R_free                      ? 
_refine.ls_wR_factor_R_work                      ? 
_refine.overall_FOM_free_R_set                   ? 
_refine.overall_FOM_work_R_set                   ? 
_refine.pdbx_refine_id                           'X-RAY DIFFRACTION' 
_refine.pdbx_overall_phase_error                 ? 
_refine.pdbx_diffrn_id                           1 
_refine.pdbx_TLS_residual_ADP_flag               ? 
_refine.pdbx_overall_SU_R_free_Cruickshank_DPI   ? 
_refine.pdbx_overall_SU_R_Blow_DPI               ? 
_refine.pdbx_overall_SU_R_free_Blow_DPI          ? 
# 
_refine_hist.pdbx_refine_id                   'X-RAY DIFFRACTION' 
_refine_hist.cycle_id                         LAST 
_refine_hist.pdbx_number_atoms_protein        0 
_refine_hist.pdbx_number_atoms_nucleic_acid   121 
_refine_hist.pdbx_number_atoms_ligand         4 
_refine_hist.number_atoms_solvent             6 
_refine_hist.number_atoms_total               131 
_refine_hist.d_res_high                       2.15 
_refine_hist.d_res_low                        14.70 
# 
loop_
_refine_ls_restr.type 
_refine_ls_restr.dev_ideal 
_refine_ls_restr.dev_ideal_target 
_refine_ls_restr.weight 
_refine_ls_restr.number 
_refine_ls_restr.pdbx_refine_id 
_refine_ls_restr.pdbx_restraint_function 
r_bond_refined_d         0.021 0.021 ? 138 'X-RAY DIFFRACTION' ? 
r_angle_refined_deg      4.056 3.000 ? 211 'X-RAY DIFFRACTION' ? 
r_chiral_restr           0.128 0.200 ? 23  'X-RAY DIFFRACTION' ? 
r_gen_planes_refined     0.017 0.020 ? 64  'X-RAY DIFFRACTION' ? 
r_nbd_refined            0.227 0.200 ? 53  'X-RAY DIFFRACTION' ? 
r_nbtor_refined          0.345 0.200 ? 74  'X-RAY DIFFRACTION' ? 
r_xyhbond_nbd_refined    0.451 0.200 ? 3   'X-RAY DIFFRACTION' ? 
r_symmetry_vdw_refined   0.459 0.200 ? 22  'X-RAY DIFFRACTION' ? 
r_symmetry_hbond_refined 0.688 0.200 ? 3   'X-RAY DIFFRACTION' ? 
# 
_refine_ls_shell.pdbx_total_number_of_bins_used   20 
_refine_ls_shell.d_res_high                       2.153 
_refine_ls_shell.d_res_low                        2.208 
_refine_ls_shell.number_reflns_R_work             55 
_refine_ls_shell.R_factor_R_work                  0.358 
_refine_ls_shell.percent_reflns_obs               100.00 
_refine_ls_shell.R_factor_R_free                  0.066 
_refine_ls_shell.R_factor_R_free_error            . 
_refine_ls_shell.percent_reflns_R_free            ? 
_refine_ls_shell.number_reflns_R_free             1 
_refine_ls_shell.number_reflns_all                ? 
_refine_ls_shell.R_factor_all                     ? 
_refine_ls_shell.number_reflns_obs                55 
_refine_ls_shell.redundancy_reflns_obs            ? 
_refine_ls_shell.pdbx_refine_id                   'X-RAY DIFFRACTION' 
# 
_struct.entry_id                  3G2R 
_struct.title                     'Crystal structure of d(CACGCG).d(CGCGTG) cocrystallized with MnCl2' 
_struct.pdbx_model_details        ? 
_struct.pdbx_CASP_flag            N 
_struct.pdbx_model_type_details   ? 
# 
_struct_keywords.entry_id        3G2R 
_struct_keywords.pdbx_keywords   DNA 
_struct_keywords.text            'duplex Z-form DNA with Watson-Crick base pairing, DNA' 
# 
loop_
_struct_asym.id 
_struct_asym.pdbx_blank_PDB_chainid_flag 
_struct_asym.pdbx_modified 
_struct_asym.entity_id 
_struct_asym.details 
A N N 1 ? 
B N N 2 ? 
C N N 3 ? 
D N N 4 ? 
# 
_struct_ref.id                         1 
_struct_ref.db_name                    PDB 
_struct_ref.db_code                    3G2R 
_struct_ref.pdbx_db_accession          3G2R 
_struct_ref.entity_id                  1 
_struct_ref.pdbx_align_begin           ? 
_struct_ref.pdbx_seq_one_letter_code   ? 
_struct_ref.pdbx_db_isoform            ? 
# 
_struct_ref_seq.align_id                      1 
_struct_ref_seq.ref_id                        1 
_struct_ref_seq.pdbx_PDB_id_code              3G2R 
_struct_ref_seq.pdbx_strand_id                A 
_struct_ref_seq.seq_align_beg                 1 
_struct_ref_seq.pdbx_seq_align_beg_ins_code   ? 
_struct_ref_seq.seq_align_end                 6 
_struct_ref_seq.pdbx_seq_align_end_ins_code   ? 
_struct_ref_seq.pdbx_db_accession             3G2R 
_struct_ref_seq.db_align_beg                  1 
_struct_ref_seq.pdbx_db_align_beg_ins_code    ? 
_struct_ref_seq.db_align_end                  6 
_struct_ref_seq.pdbx_db_align_end_ins_code    ? 
_struct_ref_seq.pdbx_auth_seq_align_beg       1 
_struct_ref_seq.pdbx_auth_seq_align_end       6 
# 
_pdbx_struct_assembly.id                   1 
_pdbx_struct_assembly.details              software_defined_assembly 
_pdbx_struct_assembly.method_details       PISA 
_pdbx_struct_assembly.oligomeric_details   dimeric 
_pdbx_struct_assembly.oligomeric_count     2 
# 
loop_
_pdbx_struct_assembly_prop.biol_id 
_pdbx_struct_assembly_prop.type 
_pdbx_struct_assembly_prop.value 
_pdbx_struct_assembly_prop.details 
1 'ABSA (A^2)' 480  ? 
1 MORE         -9   ? 
1 'SSA (A^2)'  2520 ? 
# 
_pdbx_struct_assembly_gen.assembly_id       1 
_pdbx_struct_assembly_gen.oper_expression   1,2 
_pdbx_struct_assembly_gen.asym_id_list      A,B,C,D 
# 
loop_
_pdbx_struct_oper_list.id 
_pdbx_struct_oper_list.type 
_pdbx_struct_oper_list.name 
_pdbx_struct_oper_list.symmetry_operation 
_pdbx_struct_oper_list.matrix[1][1] 
_pdbx_struct_oper_list.matrix[1][2] 
_pdbx_struct_oper_list.matrix[1][3] 
_pdbx_struct_oper_list.vector[1] 
_pdbx_struct_oper_list.matrix[2][1] 
_pdbx_struct_oper_list.matrix[2][2] 
_pdbx_struct_oper_list.matrix[2][3] 
_pdbx_struct_oper_list.vector[2] 
_pdbx_struct_oper_list.matrix[3][1] 
_pdbx_struct_oper_list.matrix[3][2] 
_pdbx_struct_oper_list.matrix[3][3] 
_pdbx_struct_oper_list.vector[3] 
1 'identity operation'         1_555 x,y,z     1.0000000000 0.0000000000  0.0000000000  0.0000000000 0.0000000000  1.0000000000  0.0000000000 0.0000000000 0.0000000000  0.0000000000 1.0000000000  0.0000000000  
2 'crystal symmetry operation' 4_565 x,-y+1,-z 0.5680273328 -0.5088216089 -0.6468736504 0.0319375472 -0.5088216089 -0.8348884459 0.2099091544 7.3695091460 -0.6468736504 0.2099091544 -0.7331388868 -5.7193341416 
# 
_struct_biol.id        1 
_struct_biol.details   'The author states that there is no possible quaternary structure' 
# 
loop_
_struct_conn.id 
_struct_conn.conn_type_id 
_struct_conn.pdbx_leaving_atom_flag 
_struct_conn.pdbx_PDB_id 
_struct_conn.ptnr1_label_asym_id 
_struct_conn.ptnr1_label_comp_id 
_struct_conn.ptnr1_label_seq_id 
_struct_conn.ptnr1_label_atom_id 
_struct_conn.pdbx_ptnr1_label_alt_id 
_struct_conn.pdbx_ptnr1_PDB_ins_code 
_struct_conn.pdbx_ptnr1_standard_comp_id 
_struct_conn.ptnr1_symmetry 
_struct_conn.ptnr2_label_asym_id 
_struct_conn.ptnr2_label_comp_id 
_struct_conn.ptnr2_label_seq_id 
_struct_conn.ptnr2_label_atom_id 
_struct_conn.pdbx_ptnr2_label_alt_id 
_struct_conn.pdbx_ptnr2_PDB_ins_code 
_struct_conn.ptnr1_auth_asym_id 
_struct_conn.ptnr1_auth_comp_id 
_struct_conn.ptnr1_auth_seq_id 
_struct_conn.ptnr2_auth_asym_id 
_struct_conn.ptnr2_auth_comp_id 
_struct_conn.ptnr2_auth_seq_id 
_struct_conn.ptnr2_symmetry 
_struct_conn.pdbx_ptnr3_label_atom_id 
_struct_conn.pdbx_ptnr3_label_seq_id 
_struct_conn.pdbx_ptnr3_label_comp_id 
_struct_conn.pdbx_ptnr3_label_asym_id 
_struct_conn.pdbx_ptnr3_label_alt_id 
_struct_conn.pdbx_ptnr3_PDB_ins_code 
_struct_conn.details 
_struct_conn.pdbx_dist_value 
_struct_conn.pdbx_value_order 
_struct_conn.pdbx_role 
metalc1 metalc ? ? A DG 2 O6 ? ? ? 1_555 C MN . MN ? ? A DG 2 A MN 8 1_555 ? ? ? ? ? ? ?               2.439 ? ? 
hydrog1 hydrog ? ? A DC 1 N3 ? ? ? 1_555 A DG 4 N1 ? ? A DC 1 A DG 4 4_565 ? ? ? ? ? ? WATSON-CRICK    ?     ? ? 
hydrog2 hydrog ? ? A DC 1 N4 ? ? ? 1_555 A DG 4 O6 ? ? A DC 1 A DG 4 4_565 ? ? ? ? ? ? WATSON-CRICK    ?     ? ? 
hydrog3 hydrog ? ? A DC 1 O2 ? ? ? 1_555 A DG 4 N2 ? ? A DC 1 A DG 4 4_565 ? ? ? ? ? ? WATSON-CRICK    ?     ? ? 
hydrog4 hydrog ? ? A DG 2 N2 ? ? ? 1_555 A DT 3 O2 ? ? A DG 2 A DT 3 4_565 ? ? ? ? ? ? 'DG-DT MISPAIR' ?     ? ? 
hydrog5 hydrog ? ? A DT 3 N3 ? ? ? 1_555 A DG 2 O6 ? ? A DT 3 A DG 2 4_565 ? ? ? ? ? ? 'DT-DG MISPAIR' ?     ? ? 
hydrog6 hydrog ? ? A DG 4 N1 ? ? ? 1_555 A DC 1 N3 ? ? A DG 4 A DC 1 4_565 ? ? ? ? ? ? WATSON-CRICK    ?     ? ? 
hydrog7 hydrog ? ? A DG 4 N2 ? ? ? 1_555 A DC 1 O2 ? ? A DG 4 A DC 1 4_565 ? ? ? ? ? ? WATSON-CRICK    ?     ? ? 
hydrog8 hydrog ? ? A DG 4 O6 ? ? ? 1_555 A DC 1 N4 ? ? A DG 4 A DC 1 4_565 ? ? ? ? ? ? WATSON-CRICK    ?     ? ? 
# 
loop_
_struct_conn_type.id 
_struct_conn_type.criteria 
_struct_conn_type.reference 
metalc ? ? 
hydrog ? ? 
# 
loop_
_struct_site.id 
_struct_site.pdbx_evidence_code 
_struct_site.pdbx_auth_asym_id 
_struct_site.pdbx_auth_comp_id 
_struct_site.pdbx_auth_seq_id 
_struct_site.pdbx_auth_ins_code 
_struct_site.pdbx_num_residues 
_struct_site.details 
AC1 Software A DCM 7 ? 3 'BINDING SITE FOR RESIDUE DCM A 7' 
AC2 Software A MN  8 ? 3 'BINDING SITE FOR RESIDUE MN A 8'  
# 
loop_
_struct_site_gen.id 
_struct_site_gen.site_id 
_struct_site_gen.pdbx_num_res 
_struct_site_gen.label_comp_id 
_struct_site_gen.label_asym_id 
_struct_site_gen.label_seq_id 
_struct_site_gen.pdbx_auth_ins_code 
_struct_site_gen.auth_comp_id 
_struct_site_gen.auth_asym_id 
_struct_site_gen.auth_seq_id 
_struct_site_gen.label_atom_id 
_struct_site_gen.label_alt_id 
_struct_site_gen.symmetry 
_struct_site_gen.details 
1 AC1 3 DC  A 1 ? DC  A 1  . ? 2_565 ? 
2 AC1 3 DG  A 4 ? DG  A 4  . ? 7_455 ? 
3 AC1 3 DG  A 6 ? DG  A 6  . ? 1_555 ? 
4 AC2 3 DG  A 2 ? DG  A 2  . ? 1_555 ? 
5 AC2 3 DT  A 3 ? DT  A 3  . ? 1_555 ? 
6 AC2 3 HOH D . ? HOH A 10 . ? 1_555 ? 
# 
_pdbx_validate_close_contact.id               1 
_pdbx_validate_close_contact.PDB_model_num    1 
_pdbx_validate_close_contact.auth_atom_id_1   "O3'" 
_pdbx_validate_close_contact.auth_asym_id_1   A 
_pdbx_validate_close_contact.auth_comp_id_1   DG 
_pdbx_validate_close_contact.auth_seq_id_1    6 
_pdbx_validate_close_contact.PDB_ins_code_1   ? 
_pdbx_validate_close_contact.label_alt_id_1   ? 
_pdbx_validate_close_contact.auth_atom_id_2   P 
_pdbx_validate_close_contact.auth_asym_id_2   A 
_pdbx_validate_close_contact.auth_comp_id_2   DCM 
_pdbx_validate_close_contact.auth_seq_id_2    7 
_pdbx_validate_close_contact.PDB_ins_code_2   ? 
_pdbx_validate_close_contact.label_alt_id_2   ? 
_pdbx_validate_close_contact.dist             1.89 
# 
_pdbx_validate_rmsd_bond.id                        1 
_pdbx_validate_rmsd_bond.PDB_model_num             1 
_pdbx_validate_rmsd_bond.auth_atom_id_1            C6 
_pdbx_validate_rmsd_bond.auth_asym_id_1            A 
_pdbx_validate_rmsd_bond.auth_comp_id_1            DG 
_pdbx_validate_rmsd_bond.auth_seq_id_1             6 
_pdbx_validate_rmsd_bond.PDB_ins_code_1            ? 
_pdbx_validate_rmsd_bond.label_alt_id_1            ? 
_pdbx_validate_rmsd_bond.auth_atom_id_2            O6 
_pdbx_validate_rmsd_bond.auth_asym_id_2            A 
_pdbx_validate_rmsd_bond.auth_comp_id_2            DG 
_pdbx_validate_rmsd_bond.auth_seq_id_2             6 
_pdbx_validate_rmsd_bond.PDB_ins_code_2            ? 
_pdbx_validate_rmsd_bond.label_alt_id_2            ? 
_pdbx_validate_rmsd_bond.bond_value                1.300 
_pdbx_validate_rmsd_bond.bond_target_value         1.237 
_pdbx_validate_rmsd_bond.bond_deviation            0.063 
_pdbx_validate_rmsd_bond.bond_standard_deviation   0.009 
_pdbx_validate_rmsd_bond.linker_flag               N 
# 
loop_
_pdbx_validate_rmsd_angle.id 
_pdbx_validate_rmsd_angle.PDB_model_num 
_pdbx_validate_rmsd_angle.auth_atom_id_1 
_pdbx_validate_rmsd_angle.auth_asym_id_1 
_pdbx_validate_rmsd_angle.auth_comp_id_1 
_pdbx_validate_rmsd_angle.auth_seq_id_1 
_pdbx_validate_rmsd_angle.PDB_ins_code_1 
_pdbx_validate_rmsd_angle.label_alt_id_1 
_pdbx_validate_rmsd_angle.auth_atom_id_2 
_pdbx_validate_rmsd_angle.auth_asym_id_2 
_pdbx_validate_rmsd_angle.auth_comp_id_2 
_pdbx_validate_rmsd_angle.auth_seq_id_2 
_pdbx_validate_rmsd_angle.PDB_ins_code_2 
_pdbx_validate_rmsd_angle.label_alt_id_2 
_pdbx_validate_rmsd_angle.auth_atom_id_3 
_pdbx_validate_rmsd_angle.auth_asym_id_3 
_pdbx_validate_rmsd_angle.auth_comp_id_3 
_pdbx_validate_rmsd_angle.auth_seq_id_3 
_pdbx_validate_rmsd_angle.PDB_ins_code_3 
_pdbx_validate_rmsd_angle.label_alt_id_3 
_pdbx_validate_rmsd_angle.angle_value 
_pdbx_validate_rmsd_angle.angle_target_value 
_pdbx_validate_rmsd_angle.angle_deviation 
_pdbx_validate_rmsd_angle.angle_standard_deviation 
_pdbx_validate_rmsd_angle.linker_flag 
1  1 "C3'" A DC 1 ? ? "C2'" A DC 1 ? ? "C1'" A DC 1 ? ? 96.85  102.40 -5.55  0.80 N 
2  1 "O4'" A DC 1 ? ? "C1'" A DC 1 ? ? N1    A DC 1 ? ? 97.76  108.00 -10.24 0.70 N 
3  1 P     A DG 2 ? ? "O5'" A DG 2 ? ? "C5'" A DG 2 ? ? 102.23 120.90 -18.67 1.60 N 
4  1 "O4'" A DG 2 ? ? "C4'" A DG 2 ? ? "C3'" A DG 2 ? ? 110.89 106.00 4.89   0.60 N 
5  1 "O4'" A DG 2 ? ? "C1'" A DG 2 ? ? N9    A DG 2 ? ? 98.29  108.00 -9.71  0.70 N 
6  1 C2    A DG 2 ? ? N3    A DG 2 ? ? C4    A DG 2 ? ? 115.65 111.90 3.75   0.50 N 
7  1 N3    A DG 2 ? ? C4    A DG 2 ? ? C5    A DG 2 ? ? 125.30 128.60 -3.30  0.50 N 
8  1 C4    A DG 2 ? ? C5    A DG 2 ? ? N7    A DG 2 ? ? 106.56 110.80 -4.24  0.40 N 
9  1 C5    A DG 2 ? ? N7    A DG 2 ? ? C8    A DG 2 ? ? 108.02 104.30 3.72   0.50 N 
10 1 C6    A DG 2 ? ? C5    A DG 2 ? ? N7    A DG 2 ? ? 134.37 130.40 3.97   0.60 N 
11 1 N1    A DG 2 ? ? C6    A DG 2 ? ? O6    A DG 2 ? ? 113.72 119.90 -6.18  0.60 N 
12 1 C5    A DG 2 ? ? C6    A DG 2 ? ? O6    A DG 2 ? ? 133.48 128.60 4.88   0.60 N 
13 1 "O4'" A DT 3 ? ? "C1'" A DT 3 ? ? N1    A DT 3 ? ? 111.65 108.30 3.35   0.30 N 
14 1 "O4'" A DG 4 ? ? "C4'" A DG 4 ? ? "C3'" A DG 4 ? ? 99.35  104.50 -5.15  0.40 N 
15 1 "C3'" A DG 4 ? ? "O3'" A DG 4 ? ? P     A DC 5 ? ? 127.84 119.70 8.14   1.20 Y 
16 1 "O4'" A DC 5 ? ? "C4'" A DC 5 ? ? "C3'" A DC 5 ? ? 101.26 104.50 -3.24  0.40 N 
17 1 N1    A DC 5 ? ? "C1'" A DC 5 ? ? "C2'" A DC 5 ? ? 122.87 114.30 8.57   1.40 N 
18 1 "O4'" A DC 5 ? ? "C1'" A DC 5 ? ? N1    A DC 5 ? ? 93.87  108.00 -14.13 0.70 N 
19 1 C2    A DC 5 ? ? N3    A DC 5 ? ? C4    A DC 5 ? ? 123.37 119.90 3.47   0.50 N 
20 1 N1    A DC 5 ? ? C2    A DC 5 ? ? O2    A DC 5 ? ? 125.37 118.90 6.47   0.60 N 
21 1 "O3'" A DC 5 ? ? P     A DG 6 ? ? "O5'" A DG 6 ? ? 91.27  104.00 -12.73 1.90 Y 
22 1 "O5'" A DG 6 ? ? P     A DG 6 ? ? OP1   A DG 6 ? ? 119.74 110.70 9.04   1.20 N 
23 1 P     A DG 6 ? ? "O5'" A DG 6 ? ? "C5'" A DG 6 ? ? 109.08 120.90 -11.82 1.60 N 
24 1 "O4'" A DG 6 ? ? "C4'" A DG 6 ? ? "C3'" A DG 6 ? ? 99.11  104.50 -5.39  0.40 N 
25 1 N3    A DG 6 ? ? C4    A DG 6 ? ? C5    A DG 6 ? ? 125.10 128.60 -3.50  0.50 N 
26 1 C5    A DG 6 ? ? C6    A DG 6 ? ? N1    A DG 6 ? ? 108.14 111.50 -3.36  0.50 N 
27 1 C4    A DG 6 ? ? C5    A DG 6 ? ? N7    A DG 6 ? ? 106.15 110.80 -4.65  0.40 N 
28 1 C5    A DG 6 ? ? N7    A DG 6 ? ? C8    A DG 6 ? ? 108.18 104.30 3.88   0.50 N 
29 1 N9    A DG 6 ? ? C4    A DG 6 ? ? C5    A DG 6 ? ? 107.85 105.40 2.45   0.40 N 
30 1 C5    A DG 6 ? ? C6    A DG 6 ? ? O6    A DG 6 ? ? 134.67 128.60 6.07   0.60 N 
# 
_pdbx_struct_special_symmetry.id              1 
_pdbx_struct_special_symmetry.PDB_model_num   1 
_pdbx_struct_special_symmetry.auth_asym_id    A 
_pdbx_struct_special_symmetry.auth_comp_id    MN 
_pdbx_struct_special_symmetry.auth_seq_id     8 
_pdbx_struct_special_symmetry.PDB_ins_code    ? 
_pdbx_struct_special_symmetry.label_asym_id   C 
_pdbx_struct_special_symmetry.label_comp_id   MN 
_pdbx_struct_special_symmetry.label_seq_id    . 
# 
loop_
_chem_comp_atom.comp_id 
_chem_comp_atom.atom_id 
_chem_comp_atom.type_symbol 
_chem_comp_atom.pdbx_aromatic_flag 
_chem_comp_atom.pdbx_stereo_config 
_chem_comp_atom.pdbx_ordinal 
DC  OP3    O  N N 1   
DC  P      P  N N 2   
DC  OP1    O  N N 3   
DC  OP2    O  N N 4   
DC  "O5'"  O  N N 5   
DC  "C5'"  C  N N 6   
DC  "C4'"  C  N R 7   
DC  "O4'"  O  N N 8   
DC  "C3'"  C  N S 9   
DC  "O3'"  O  N N 10  
DC  "C2'"  C  N N 11  
DC  "C1'"  C  N R 12  
DC  N1     N  N N 13  
DC  C2     C  N N 14  
DC  O2     O  N N 15  
DC  N3     N  N N 16  
DC  C4     C  N N 17  
DC  N4     N  N N 18  
DC  C5     C  N N 19  
DC  C6     C  N N 20  
DC  HOP3   H  N N 21  
DC  HOP2   H  N N 22  
DC  "H5'"  H  N N 23  
DC  "H5''" H  N N 24  
DC  "H4'"  H  N N 25  
DC  "H3'"  H  N N 26  
DC  "HO3'" H  N N 27  
DC  "H2'"  H  N N 28  
DC  "H2''" H  N N 29  
DC  "H1'"  H  N N 30  
DC  H41    H  N N 31  
DC  H42    H  N N 32  
DC  H5     H  N N 33  
DC  H6     H  N N 34  
DCM N1     N  N N 35  
DCM C2     C  N N 36  
DCM N3     N  N N 37  
DCM C4     C  N N 38  
DCM C5     C  N N 39  
DCM C6     C  N N 40  
DCM O2     O  N N 41  
DCM N4     N  N N 42  
DCM "C1'"  C  N R 43  
DCM "C2'"  C  N N 44  
DCM "C3'"  C  N S 45  
DCM "C4'"  C  N R 46  
DCM "O4'"  O  N N 47  
DCM "O3'"  O  N N 48  
DCM "C5'"  C  N N 49  
DCM "O5'"  O  N N 50  
DCM P      P  N N 51  
DCM O1P    O  N N 52  
DCM O2P    O  N N 53  
DCM O3P    O  N N 54  
DCM H5     H  N N 55  
DCM H6     H  N N 56  
DCM HN41   H  N N 57  
DCM HN42   H  N N 58  
DCM "H1'"  H  N N 59  
DCM "H2'1" H  N N 60  
DCM "H2'2" H  N N 61  
DCM "H3'"  H  N N 62  
DCM "H4'"  H  N N 63  
DCM "HO3'" H  N N 64  
DCM "H5'1" H  N N 65  
DCM "H5'2" H  N N 66  
DCM HOP2   H  N N 67  
DCM HOP3   H  N N 68  
DG  OP3    O  N N 69  
DG  P      P  N N 70  
DG  OP1    O  N N 71  
DG  OP2    O  N N 72  
DG  "O5'"  O  N N 73  
DG  "C5'"  C  N N 74  
DG  "C4'"  C  N R 75  
DG  "O4'"  O  N N 76  
DG  "C3'"  C  N S 77  
DG  "O3'"  O  N N 78  
DG  "C2'"  C  N N 79  
DG  "C1'"  C  N R 80  
DG  N9     N  Y N 81  
DG  C8     C  Y N 82  
DG  N7     N  Y N 83  
DG  C5     C  Y N 84  
DG  C6     C  N N 85  
DG  O6     O  N N 86  
DG  N1     N  N N 87  
DG  C2     C  N N 88  
DG  N2     N  N N 89  
DG  N3     N  N N 90  
DG  C4     C  Y N 91  
DG  HOP3   H  N N 92  
DG  HOP2   H  N N 93  
DG  "H5'"  H  N N 94  
DG  "H5''" H  N N 95  
DG  "H4'"  H  N N 96  
DG  "H3'"  H  N N 97  
DG  "HO3'" H  N N 98  
DG  "H2'"  H  N N 99  
DG  "H2''" H  N N 100 
DG  "H1'"  H  N N 101 
DG  H8     H  N N 102 
DG  H1     H  N N 103 
DG  H21    H  N N 104 
DG  H22    H  N N 105 
DT  OP3    O  N N 106 
DT  P      P  N N 107 
DT  OP1    O  N N 108 
DT  OP2    O  N N 109 
DT  "O5'"  O  N N 110 
DT  "C5'"  C  N N 111 
DT  "C4'"  C  N R 112 
DT  "O4'"  O  N N 113 
DT  "C3'"  C  N S 114 
DT  "O3'"  O  N N 115 
DT  "C2'"  C  N N 116 
DT  "C1'"  C  N R 117 
DT  N1     N  N N 118 
DT  C2     C  N N 119 
DT  O2     O  N N 120 
DT  N3     N  N N 121 
DT  C4     C  N N 122 
DT  O4     O  N N 123 
DT  C5     C  N N 124 
DT  C7     C  N N 125 
DT  C6     C  N N 126 
DT  HOP3   H  N N 127 
DT  HOP2   H  N N 128 
DT  "H5'"  H  N N 129 
DT  "H5''" H  N N 130 
DT  "H4'"  H  N N 131 
DT  "H3'"  H  N N 132 
DT  "HO3'" H  N N 133 
DT  "H2'"  H  N N 134 
DT  "H2''" H  N N 135 
DT  "H1'"  H  N N 136 
DT  H3     H  N N 137 
DT  H71    H  N N 138 
DT  H72    H  N N 139 
DT  H73    H  N N 140 
DT  H6     H  N N 141 
HOH O      O  N N 142 
HOH H1     H  N N 143 
HOH H2     H  N N 144 
MN  MN     MN N N 145 
# 
loop_
_chem_comp_bond.comp_id 
_chem_comp_bond.atom_id_1 
_chem_comp_bond.atom_id_2 
_chem_comp_bond.value_order 
_chem_comp_bond.pdbx_aromatic_flag 
_chem_comp_bond.pdbx_stereo_config 
_chem_comp_bond.pdbx_ordinal 
DC  OP3   P      sing N N 1   
DC  OP3   HOP3   sing N N 2   
DC  P     OP1    doub N N 3   
DC  P     OP2    sing N N 4   
DC  P     "O5'"  sing N N 5   
DC  OP2   HOP2   sing N N 6   
DC  "O5'" "C5'"  sing N N 7   
DC  "C5'" "C4'"  sing N N 8   
DC  "C5'" "H5'"  sing N N 9   
DC  "C5'" "H5''" sing N N 10  
DC  "C4'" "O4'"  sing N N 11  
DC  "C4'" "C3'"  sing N N 12  
DC  "C4'" "H4'"  sing N N 13  
DC  "O4'" "C1'"  sing N N 14  
DC  "C3'" "O3'"  sing N N 15  
DC  "C3'" "C2'"  sing N N 16  
DC  "C3'" "H3'"  sing N N 17  
DC  "O3'" "HO3'" sing N N 18  
DC  "C2'" "C1'"  sing N N 19  
DC  "C2'" "H2'"  sing N N 20  
DC  "C2'" "H2''" sing N N 21  
DC  "C1'" N1     sing N N 22  
DC  "C1'" "H1'"  sing N N 23  
DC  N1    C2     sing N N 24  
DC  N1    C6     sing N N 25  
DC  C2    O2     doub N N 26  
DC  C2    N3     sing N N 27  
DC  N3    C4     doub N N 28  
DC  C4    N4     sing N N 29  
DC  C4    C5     sing N N 30  
DC  N4    H41    sing N N 31  
DC  N4    H42    sing N N 32  
DC  C5    C6     doub N N 33  
DC  C5    H5     sing N N 34  
DC  C6    H6     sing N N 35  
DCM N1    C2     sing N N 36  
DCM N1    C6     sing N N 37  
DCM N1    "C1'"  sing N N 38  
DCM C2    N3     sing N N 39  
DCM C2    O2     doub N N 40  
DCM N3    C4     doub N N 41  
DCM C4    C5     sing N N 42  
DCM C4    N4     sing N N 43  
DCM C5    C6     doub N N 44  
DCM C5    H5     sing N N 45  
DCM C6    H6     sing N N 46  
DCM N4    HN41   sing N N 47  
DCM N4    HN42   sing N N 48  
DCM "C1'" "C2'"  sing N N 49  
DCM "C1'" "O4'"  sing N N 50  
DCM "C1'" "H1'"  sing N N 51  
DCM "C2'" "C3'"  sing N N 52  
DCM "C2'" "H2'1" sing N N 53  
DCM "C2'" "H2'2" sing N N 54  
DCM "C3'" "C4'"  sing N N 55  
DCM "C3'" "O3'"  sing N N 56  
DCM "C3'" "H3'"  sing N N 57  
DCM "C4'" "O4'"  sing N N 58  
DCM "C4'" "C5'"  sing N N 59  
DCM "C4'" "H4'"  sing N N 60  
DCM "O3'" "HO3'" sing N N 61  
DCM "C5'" "O5'"  sing N N 62  
DCM "C5'" "H5'1" sing N N 63  
DCM "C5'" "H5'2" sing N N 64  
DCM "O5'" P      sing N N 65  
DCM P     O1P    doub N N 66  
DCM P     O2P    sing N N 67  
DCM P     O3P    sing N N 68  
DCM O2P   HOP2   sing N N 69  
DCM O3P   HOP3   sing N N 70  
DG  OP3   P      sing N N 71  
DG  OP3   HOP3   sing N N 72  
DG  P     OP1    doub N N 73  
DG  P     OP2    sing N N 74  
DG  P     "O5'"  sing N N 75  
DG  OP2   HOP2   sing N N 76  
DG  "O5'" "C5'"  sing N N 77  
DG  "C5'" "C4'"  sing N N 78  
DG  "C5'" "H5'"  sing N N 79  
DG  "C5'" "H5''" sing N N 80  
DG  "C4'" "O4'"  sing N N 81  
DG  "C4'" "C3'"  sing N N 82  
DG  "C4'" "H4'"  sing N N 83  
DG  "O4'" "C1'"  sing N N 84  
DG  "C3'" "O3'"  sing N N 85  
DG  "C3'" "C2'"  sing N N 86  
DG  "C3'" "H3'"  sing N N 87  
DG  "O3'" "HO3'" sing N N 88  
DG  "C2'" "C1'"  sing N N 89  
DG  "C2'" "H2'"  sing N N 90  
DG  "C2'" "H2''" sing N N 91  
DG  "C1'" N9     sing N N 92  
DG  "C1'" "H1'"  sing N N 93  
DG  N9    C8     sing Y N 94  
DG  N9    C4     sing Y N 95  
DG  C8    N7     doub Y N 96  
DG  C8    H8     sing N N 97  
DG  N7    C5     sing Y N 98  
DG  C5    C6     sing N N 99  
DG  C5    C4     doub Y N 100 
DG  C6    O6     doub N N 101 
DG  C6    N1     sing N N 102 
DG  N1    C2     sing N N 103 
DG  N1    H1     sing N N 104 
DG  C2    N2     sing N N 105 
DG  C2    N3     doub N N 106 
DG  N2    H21    sing N N 107 
DG  N2    H22    sing N N 108 
DG  N3    C4     sing N N 109 
DT  OP3   P      sing N N 110 
DT  OP3   HOP3   sing N N 111 
DT  P     OP1    doub N N 112 
DT  P     OP2    sing N N 113 
DT  P     "O5'"  sing N N 114 
DT  OP2   HOP2   sing N N 115 
DT  "O5'" "C5'"  sing N N 116 
DT  "C5'" "C4'"  sing N N 117 
DT  "C5'" "H5'"  sing N N 118 
DT  "C5'" "H5''" sing N N 119 
DT  "C4'" "O4'"  sing N N 120 
DT  "C4'" "C3'"  sing N N 121 
DT  "C4'" "H4'"  sing N N 122 
DT  "O4'" "C1'"  sing N N 123 
DT  "C3'" "O3'"  sing N N 124 
DT  "C3'" "C2'"  sing N N 125 
DT  "C3'" "H3'"  sing N N 126 
DT  "O3'" "HO3'" sing N N 127 
DT  "C2'" "C1'"  sing N N 128 
DT  "C2'" "H2'"  sing N N 129 
DT  "C2'" "H2''" sing N N 130 
DT  "C1'" N1     sing N N 131 
DT  "C1'" "H1'"  sing N N 132 
DT  N1    C2     sing N N 133 
DT  N1    C6     sing N N 134 
DT  C2    O2     doub N N 135 
DT  C2    N3     sing N N 136 
DT  N3    C4     sing N N 137 
DT  N3    H3     sing N N 138 
DT  C4    O4     doub N N 139 
DT  C4    C5     sing N N 140 
DT  C5    C7     sing N N 141 
DT  C5    C6     doub N N 142 
DT  C7    H71    sing N N 143 
DT  C7    H72    sing N N 144 
DT  C7    H73    sing N N 145 
DT  C6    H6     sing N N 146 
HOH O     H1     sing N N 147 
HOH O     H2     sing N N 148 
# 
loop_
_ndb_struct_conf_na.entry_id 
_ndb_struct_conf_na.feature 
3G2R 'z-form double helix'  
3G2R 'mismatched base pair' 
# 
loop_
_ndb_struct_na_base_pair.model_number 
_ndb_struct_na_base_pair.i_label_asym_id 
_ndb_struct_na_base_pair.i_label_comp_id 
_ndb_struct_na_base_pair.i_label_seq_id 
_ndb_struct_na_base_pair.i_symmetry 
_ndb_struct_na_base_pair.j_label_asym_id 
_ndb_struct_na_base_pair.j_label_comp_id 
_ndb_struct_na_base_pair.j_label_seq_id 
_ndb_struct_na_base_pair.j_symmetry 
_ndb_struct_na_base_pair.shear 
_ndb_struct_na_base_pair.stretch 
_ndb_struct_na_base_pair.stagger 
_ndb_struct_na_base_pair.buckle 
_ndb_struct_na_base_pair.propeller 
_ndb_struct_na_base_pair.opening 
_ndb_struct_na_base_pair.pair_number 
_ndb_struct_na_base_pair.pair_name 
_ndb_struct_na_base_pair.i_auth_asym_id 
_ndb_struct_na_base_pair.i_auth_seq_id 
_ndb_struct_na_base_pair.i_PDB_ins_code 
_ndb_struct_na_base_pair.j_auth_asym_id 
_ndb_struct_na_base_pair.j_auth_seq_id 
_ndb_struct_na_base_pair.j_PDB_ins_code 
_ndb_struct_na_base_pair.hbond_type_28 
_ndb_struct_na_base_pair.hbond_type_12 
1 A DC 1 1_555 A DG 4 4_565 -1.227 -0.099 -0.037 -7.096  6.716  -1.170 1 A_DC1:DG4_A A 1 ? A 4 ? 19 1 
1 A DG 2 1_555 A DT 3 4_565 0.396  -0.051 0.857  11.528  -5.397 4.713  2 A_DG2:DT3_A A 2 ? A 3 ? ?  ? 
1 A DT 3 1_555 A DG 2 4_565 -0.396 -0.051 0.857  -11.528 -5.397 4.713  3 A_DT3:DG2_A A 3 ? A 2 ? ?  ? 
1 A DG 4 1_555 A DC 1 4_565 1.227  -0.099 -0.037 7.096   6.716  -1.170 4 A_DG4:DC1_A A 4 ? A 1 ? 19 1 
# 
loop_
_ndb_struct_na_base_pair_step.model_number 
_ndb_struct_na_base_pair_step.i_label_asym_id_1 
_ndb_struct_na_base_pair_step.i_label_comp_id_1 
_ndb_struct_na_base_pair_step.i_label_seq_id_1 
_ndb_struct_na_base_pair_step.i_symmetry_1 
_ndb_struct_na_base_pair_step.j_label_asym_id_1 
_ndb_struct_na_base_pair_step.j_label_comp_id_1 
_ndb_struct_na_base_pair_step.j_label_seq_id_1 
_ndb_struct_na_base_pair_step.j_symmetry_1 
_ndb_struct_na_base_pair_step.i_label_asym_id_2 
_ndb_struct_na_base_pair_step.i_label_comp_id_2 
_ndb_struct_na_base_pair_step.i_label_seq_id_2 
_ndb_struct_na_base_pair_step.i_symmetry_2 
_ndb_struct_na_base_pair_step.j_label_asym_id_2 
_ndb_struct_na_base_pair_step.j_label_comp_id_2 
_ndb_struct_na_base_pair_step.j_label_seq_id_2 
_ndb_struct_na_base_pair_step.j_symmetry_2 
_ndb_struct_na_base_pair_step.shift 
_ndb_struct_na_base_pair_step.slide 
_ndb_struct_na_base_pair_step.rise 
_ndb_struct_na_base_pair_step.tilt 
_ndb_struct_na_base_pair_step.roll 
_ndb_struct_na_base_pair_step.twist 
_ndb_struct_na_base_pair_step.x_displacement 
_ndb_struct_na_base_pair_step.y_displacement 
_ndb_struct_na_base_pair_step.helical_rise 
_ndb_struct_na_base_pair_step.inclination 
_ndb_struct_na_base_pair_step.tip 
_ndb_struct_na_base_pair_step.helical_twist 
_ndb_struct_na_base_pair_step.step_number 
_ndb_struct_na_base_pair_step.step_name 
_ndb_struct_na_base_pair_step.i_auth_asym_id_1 
_ndb_struct_na_base_pair_step.i_auth_seq_id_1 
_ndb_struct_na_base_pair_step.i_PDB_ins_code_1 
_ndb_struct_na_base_pair_step.j_auth_asym_id_1 
_ndb_struct_na_base_pair_step.j_auth_seq_id_1 
_ndb_struct_na_base_pair_step.j_PDB_ins_code_1 
_ndb_struct_na_base_pair_step.i_auth_asym_id_2 
_ndb_struct_na_base_pair_step.i_auth_seq_id_2 
_ndb_struct_na_base_pair_step.i_PDB_ins_code_2 
_ndb_struct_na_base_pair_step.j_auth_asym_id_2 
_ndb_struct_na_base_pair_step.j_auth_seq_id_2 
_ndb_struct_na_base_pair_step.j_PDB_ins_code_2 
1 A DC 1 1_555 A DG 4 4_565 A DG 2 1_555 A DT 3 4_565 0.040  5.122  3.333 -6.557 3.270 -5.512  -36.978 -9.637 0.208 -23.696 
-47.514 -9.167  1 AA_DC1DG2:DT3DG4_AA A 1 ? A 4 ? A 2 ? A 3 ? 
1 A DG 2 1_555 A DT 3 4_565 A DT 3 1_555 A DG 2 4_565 0.000  -1.688 4.351 0.000  5.368 -48.534 1.488   0.000  4.502 -6.507  0.000 
-48.812 2 AA_DG2DT3:DG2DT3_AA A 2 ? A 3 ? A 3 ? A 2 ? 
1 A DT 3 1_555 A DG 2 4_565 A DG 4 1_555 A DC 1 4_565 -0.040 5.122  3.333 6.557  3.270 -5.512  -36.978 9.637  0.208 -23.696 47.514 
-9.167  3 AA_DT3DG4:DC1DG2_AA A 3 ? A 2 ? A 4 ? A 1 ? 
# 
_atom_sites.entry_id                    3G2R 
_atom_sites.fract_transf_matrix[1][1]   0.04952739 
_atom_sites.fract_transf_matrix[1][2]   -0.01607154 
_atom_sites.fract_transf_matrix[1][3]   -0.02043202 
_atom_sites.fract_transf_matrix[2][1]   0.01168086 
_atom_sites.fract_transf_matrix[2][2]   0.02969061 
_atom_sites.fract_transf_matrix[2][3]   0.00496029 
_atom_sites.fract_transf_matrix[3][1]   0.00672156 
_atom_sites.fract_transf_matrix[3][2]   -0.00617832 
_atom_sites.fract_transf_matrix[3][3]   0.02115289 
_atom_sites.fract_transf_vector[1]      -0.057443 
_atom_sites.fract_transf_vector[2]      0.404591 
_atom_sites.fract_transf_vector[3]      0.083148 
# 
loop_
_atom_type.symbol 
C  
MN 
N  
O  
P  
# 
loop_
_atom_site.group_PDB 
_atom_site.id 
_atom_site.type_symbol 
_atom_site.label_atom_id 
_atom_site.label_alt_id 
_atom_site.label_comp_id 
_atom_site.label_asym_id 
_atom_site.label_entity_id 
_atom_site.label_seq_id 
_atom_site.pdbx_PDB_ins_code 
_atom_site.Cartn_x 
_atom_site.Cartn_y 
_atom_site.Cartn_z 
_atom_site.occupancy 
_atom_site.B_iso_or_equiv 
_atom_site.pdbx_formal_charge 
_atom_site.auth_seq_id 
_atom_site.auth_comp_id 
_atom_site.auth_asym_id 
_atom_site.auth_atom_id 
_atom_site.pdbx_PDB_model_num 
ATOM   1   O  "O5'" . DC  A 1 1 ? 3.044  0.095  -11.714 1.00 42.09 ? 1  DC  A "O5'" 1 
ATOM   2   C  "C5'" . DC  A 1 1 ? 2.713  -0.265 -10.409 1.00 39.95 ? 1  DC  A "C5'" 1 
ATOM   3   C  "C4'" . DC  A 1 1 ? 1.547  0.504  -9.815  1.00 40.58 ? 1  DC  A "C4'" 1 
ATOM   4   O  "O4'" . DC  A 1 1 ? 2.158  1.719  -9.320  1.00 38.21 ? 1  DC  A "O4'" 1 
ATOM   5   C  "C3'" . DC  A 1 1 ? 0.394  0.919  -10.730 1.00 33.09 ? 1  DC  A "C3'" 1 
ATOM   6   O  "O3'" . DC  A 1 1 ? -0.862 0.870  -10.070 1.00 42.52 ? 1  DC  A "O3'" 1 
ATOM   7   C  "C2'" . DC  A 1 1 ? 0.776  2.356  -11.092 1.00 31.03 ? 1  DC  A "C2'" 1 
ATOM   8   C  "C1'" . DC  A 1 1 ? 1.279  2.763  -9.714  1.00 33.94 ? 1  DC  A "C1'" 1 
ATOM   9   N  N1    . DC  A 1 1 ? 2.206  3.819  -9.667  1.00 35.87 ? 1  DC  A N1    1 
ATOM   10  C  C2    . DC  A 1 1 ? 1.865  5.027  -9.079  1.00 30.04 ? 1  DC  A C2    1 
ATOM   11  O  O2    . DC  A 1 1 ? 0.697  5.175  -8.719  1.00 26.33 ? 1  DC  A O2    1 
ATOM   12  N  N3    . DC  A 1 1 ? 2.821  5.996  -9.077  1.00 40.02 ? 1  DC  A N3    1 
ATOM   13  C  C4    . DC  A 1 1 ? 4.042  5.746  -9.554  1.00 29.85 ? 1  DC  A C4    1 
ATOM   14  N  N4    . DC  A 1 1 ? 4.966  6.707  -9.491  1.00 45.88 ? 1  DC  A N4    1 
ATOM   15  C  C5    . DC  A 1 1 ? 4.405  4.507  -10.108 1.00 47.96 ? 1  DC  A C5    1 
ATOM   16  C  C6    . DC  A 1 1 ? 3.453  3.573  -10.157 1.00 30.54 ? 1  DC  A C6    1 
ATOM   17  P  P     . DG  A 1 2 ? -1.727 -0.453 -10.166 1.00 50.79 ? 2  DG  A P     1 
ATOM   18  O  OP1   . DG  A 1 2 ? -2.009 -0.801 -11.587 1.00 59.68 ? 2  DG  A OP1   1 
ATOM   19  O  OP2   . DG  A 1 2 ? -2.758 -0.428 -9.074  1.00 36.50 ? 2  DG  A OP2   1 
ATOM   20  O  "O5'" . DG  A 1 2 ? -0.717 -1.540 -9.675  1.00 37.39 ? 2  DG  A "O5'" 1 
ATOM   21  C  "C5'" . DG  A 1 2 ? -1.220 -1.865 -8.427  1.00 21.62 ? 2  DG  A "C5'" 1 
ATOM   22  C  "C4'" . DG  A 1 2 ? -0.394 -2.971 -7.882  1.00 23.93 ? 2  DG  A "C4'" 1 
ATOM   23  O  "O4'" . DG  A 1 2 ? 0.932  -2.966 -8.442  1.00 21.80 ? 2  DG  A "O4'" 1 
ATOM   24  C  "C3'" . DG  A 1 2 ? -0.342 -2.975 -6.412  1.00 22.10 ? 2  DG  A "C3'" 1 
ATOM   25  O  "O3'" . DG  A 1 2 ? -1.651 -3.640 -6.176  1.00 36.46 ? 2  DG  A "O3'" 1 
ATOM   26  C  "C2'" . DG  A 1 2 ? 0.944  -3.744 -6.224  1.00 23.89 ? 2  DG  A "C2'" 1 
ATOM   27  C  "C1'" . DG  A 1 2 ? 1.815  -3.540 -7.506  1.00 25.19 ? 2  DG  A "C1'" 1 
ATOM   28  N  N9    . DG  A 1 2 ? 2.848  -2.531 -7.550  1.00 27.79 ? 2  DG  A N9    1 
ATOM   29  C  C8    . DG  A 1 2 ? 4.082  -2.684 -8.080  1.00 29.08 ? 2  DG  A C8    1 
ATOM   30  N  N7    . DG  A 1 2 ? 4.792  -1.593 -7.985  1.00 33.66 ? 2  DG  A N7    1 
ATOM   31  C  C5    . DG  A 1 2 ? 3.985  -0.597 -7.403  1.00 30.92 ? 2  DG  A C5    1 
ATOM   32  C  C6    . DG  A 1 2 ? 4.181  0.812  -7.072  1.00 38.66 ? 2  DG  A C6    1 
ATOM   33  O  O6    . DG  A 1 2 ? 5.147  1.603  -7.201  1.00 28.74 ? 2  DG  A O6    1 
ATOM   34  N  N1    . DG  A 1 2 ? 3.067  1.381  -6.442  1.00 22.35 ? 2  DG  A N1    1 
ATOM   35  C  C2    . DG  A 1 2 ? 1.916  0.719  -6.214  1.00 24.22 ? 2  DG  A C2    1 
ATOM   36  N  N2    . DG  A 1 2 ? 0.980  1.490  -5.637  0.50 17.55 ? 2  DG  A N2    1 
ATOM   37  N  N3    . DG  A 1 2 ? 1.721  -0.575 -6.558  1.00 21.50 ? 2  DG  A N3    1 
ATOM   38  C  C4    . DG  A 1 2 ? 2.763  -1.183 -7.142  1.00 25.87 ? 2  DG  A C4    1 
ATOM   39  P  P     . DT  A 1 3 ? -2.580 -3.098 -4.969  0.50 53.42 ? 3  DT  A P     1 
ATOM   40  O  OP1   . DT  A 1 3 ? -3.496 -4.241 -4.685  0.50 45.04 ? 3  DT  A OP1   1 
ATOM   41  O  OP2   . DT  A 1 3 ? -3.065 -1.724 -5.258  0.50 38.66 ? 3  DT  A OP2   1 
ATOM   42  O  "O5'" . DT  A 1 3 ? -1.643 -2.878 -3.680  1.00 41.80 ? 3  DT  A "O5'" 1 
ATOM   43  C  "C5'" . DT  A 1 3 ? -2.260 -2.520 -2.453  1.00 42.88 ? 3  DT  A "C5'" 1 
ATOM   44  C  "C4'" . DT  A 1 3 ? -1.698 -1.286 -1.774  1.00 36.03 ? 3  DT  A "C4'" 1 
ATOM   45  O  "O4'" . DT  A 1 3 ? -0.248 -1.357 -1.659  1.00 37.82 ? 3  DT  A "O4'" 1 
ATOM   46  C  "C3'" . DT  A 1 3 ? -2.030 -0.028 -2.547  1.00 39.08 ? 3  DT  A "C3'" 1 
ATOM   47  O  "O3'" . DT  A 1 3 ? -2.383 0.990  -1.610  1.00 49.55 ? 3  DT  A "O3'" 1 
ATOM   48  C  "C2'" . DT  A 1 3 ? -0.743 0.174  -3.349  1.00 31.75 ? 3  DT  A "C2'" 1 
ATOM   49  C  "C1'" . DT  A 1 3 ? 0.257  -0.190 -2.263  1.00 31.53 ? 3  DT  A "C1'" 1 
ATOM   50  N  N1    . DT  A 1 3 ? 1.693  -0.348 -2.653  1.00 27.26 ? 3  DT  A N1    1 
ATOM   51  C  C2    . DT  A 1 3 ? 2.537  0.661  -2.284  1.00 27.62 ? 3  DT  A C2    1 
ATOM   52  O  O2    . DT  A 1 3 ? 2.188  1.656  -1.716  1.00 26.34 ? 3  DT  A O2    1 
ATOM   53  N  N3    . DT  A 1 3 ? 3.836  0.460  -2.639  1.00 40.90 ? 3  DT  A N3    1 
ATOM   54  C  C4    . DT  A 1 3 ? 4.338  -0.633 -3.306  1.00 20.19 ? 3  DT  A C4    1 
ATOM   55  O  O4    . DT  A 1 3 ? 5.531  -0.671 -3.533  1.00 42.48 ? 3  DT  A O4    1 
ATOM   56  C  C5    . DT  A 1 3 ? 3.413  -1.696 -3.635  1.00 26.93 ? 3  DT  A C5    1 
ATOM   57  C  C7    . DT  A 1 3 ? 3.867  -2.959 -4.352  0.50 20.39 ? 3  DT  A C7    1 
ATOM   58  C  C6    . DT  A 1 3 ? 2.140  -1.483 -3.297  1.00 29.28 ? 3  DT  A C6    1 
ATOM   59  P  P     . DG  A 1 4 ? -3.886 1.144  -0.978  1.00 50.87 ? 4  DG  A P     1 
ATOM   60  O  OP1   . DG  A 1 4 ? -4.787 1.191  -2.119  1.00 51.10 ? 4  DG  A OP1   1 
ATOM   61  O  OP2   . DG  A 1 4 ? -3.868 2.312  -0.066  1.00 55.89 ? 4  DG  A OP2   1 
ATOM   62  O  "O5'" . DG  A 1 4 ? -4.170 -0.137 -0.087  1.00 46.66 ? 4  DG  A "O5'" 1 
ATOM   63  C  "C5'" . DG  A 1 4 ? -4.634 -0.044 1.282   1.00 38.27 ? 4  DG  A "C5'" 1 
ATOM   64  C  "C4'" . DG  A 1 4 ? -4.506 -1.404 1.984   1.00 26.69 ? 4  DG  A "C4'" 1 
ATOM   65  O  "O4'" . DG  A 1 4 ? -3.663 -2.258 1.184   1.00 23.44 ? 4  DG  A "O4'" 1 
ATOM   66  C  "C3'" . DG  A 1 4 ? -3.730 -1.432 3.273   1.00 31.29 ? 4  DG  A "C3'" 1 
ATOM   67  O  "O3'" . DG  A 1 4 ? -4.631 -1.058 4.308   1.00 34.46 ? 4  DG  A "O3'" 1 
ATOM   68  C  "C2'" . DG  A 1 4 ? -3.242 -2.908 3.360   1.00 17.87 ? 4  DG  A "C2'" 1 
ATOM   69  C  "C1'" . DG  A 1 4 ? -3.310 -3.398 1.907   1.00 23.06 ? 4  DG  A "C1'" 1 
ATOM   70  N  N9    . DG  A 1 4 ? -2.006 -3.825 1.428   1.00 41.98 ? 4  DG  A N9    1 
ATOM   71  C  C8    . DG  A 1 4 ? -1.509 -5.079 1.108   1.00 41.12 ? 4  DG  A C8    1 
ATOM   72  N  N7    . DG  A 1 4 ? -0.222 -5.063 0.760   1.00 36.81 ? 4  DG  A N7    1 
ATOM   73  C  C5    . DG  A 1 4 ? 0.154  -3.724 0.856   1.00 39.20 ? 4  DG  A C5    1 
ATOM   74  C  C6    . DG  A 1 4 ? 1.394  -3.060 0.571   1.00 45.00 ? 4  DG  A C6    1 
ATOM   75  O  O6    . DG  A 1 4 ? 2.483  -3.558 0.197   1.00 40.56 ? 4  DG  A O6    1 
ATOM   76  N  N1    . DG  A 1 4 ? 1.306  -1.674 0.821   1.00 36.31 ? 4  DG  A N1    1 
ATOM   77  C  C2    . DG  A 1 4 ? 0.195  -1.032 1.274   1.00 36.95 ? 4  DG  A C2    1 
ATOM   78  N  N2    . DG  A 1 4 ? 0.340  0.258  1.427   1.00 28.64 ? 4  DG  A N2    1 
ATOM   79  N  N3    . DG  A 1 4 ? -0.990 -1.616 1.495   1.00 33.21 ? 4  DG  A N3    1 
ATOM   80  C  C4    . DG  A 1 4 ? -0.937 -2.954 1.263   1.00 41.61 ? 4  DG  A C4    1 
ATOM   81  P  P     . DC  A 1 5 ? -4.810 0.398  4.990   0.50 41.01 ? 5  DC  A P     1 
ATOM   82  O  OP1   . DC  A 1 5 ? -6.239 0.611  5.287   0.50 31.86 ? 5  DC  A OP1   1 
ATOM   83  O  OP2   . DC  A 1 5 ? -4.062 1.489  4.312   0.50 28.69 ? 5  DC  A OP2   1 
ATOM   84  O  "O5'" . DC  A 1 5 ? -4.083 0.176  6.368   1.00 40.92 ? 5  DC  A "O5'" 1 
ATOM   85  C  "C5'" . DC  A 1 5 ? -2.933 -0.615 6.609   1.00 26.66 ? 5  DC  A "C5'" 1 
ATOM   86  C  "C4'" . DC  A 1 5 ? -1.829 0.339  7.042   1.00 27.52 ? 5  DC  A "C4'" 1 
ATOM   87  O  "O4'" . DC  A 1 5 ? -0.562 -0.317 6.802   1.00 33.31 ? 5  DC  A "O4'" 1 
ATOM   88  C  "C3'" . DC  A 1 5 ? -1.624 1.658  6.309   1.00 33.55 ? 5  DC  A "C3'" 1 
ATOM   89  O  "O3'" . DC  A 1 5 ? -0.880 2.574  7.132   1.00 37.32 ? 5  DC  A "O3'" 1 
ATOM   90  C  "C2'" . DC  A 1 5 ? -0.770 1.229  5.114   1.00 27.16 ? 5  DC  A "C2'" 1 
ATOM   91  C  "C1'" . DC  A 1 5 ? 0.205  0.360  5.844   1.00 18.51 ? 5  DC  A "C1'" 1 
ATOM   92  N  N1    . DC  A 1 5 ? 0.752  -0.860 5.277   1.00 28.23 ? 5  DC  A N1    1 
ATOM   93  C  C2    . DC  A 1 5 ? 2.117  -1.109 5.125   1.00 24.80 ? 5  DC  A C2    1 
ATOM   94  O  O2    . DC  A 1 5 ? 3.022  -0.274 5.288   1.00 24.15 ? 5  DC  A O2    1 
ATOM   95  N  N3    . DC  A 1 5 ? 2.430  -2.352 4.698   1.00 29.94 ? 5  DC  A N3    1 
ATOM   96  C  C4    . DC  A 1 5 ? 1.522  -3.280 4.427   1.00 22.74 ? 5  DC  A C4    1 
ATOM   97  N  N4    . DC  A 1 5 ? 1.962  -4.459 4.004   1.00 27.48 ? 5  DC  A N4    1 
ATOM   98  C  C5    . DC  A 1 5 ? 0.157  -3.071 4.659   1.00 33.09 ? 5  DC  A C5    1 
ATOM   99  C  C6    . DC  A 1 5 ? -0.169 -1.856 5.086   1.00 30.03 ? 5  DC  A C6    1 
ATOM   100 P  P     . DG  A 1 6 ? -0.651 4.082  6.664   1.00 46.96 ? 6  DG  A P     1 
ATOM   101 O  OP1   . DG  A 1 6 ? -0.967 4.186  5.217   1.00 50.56 ? 6  DG  A OP1   1 
ATOM   102 O  OP2   . DG  A 1 6 ? 0.613  4.724  7.167   1.00 39.19 ? 6  DG  A OP2   1 
ATOM   103 O  "O5'" . DG  A 1 6 ? -1.705 4.616  7.748   1.00 35.69 ? 6  DG  A "O5'" 1 
ATOM   104 C  "C5'" . DG  A 1 6 ? -1.024 4.808  9.018   1.00 35.33 ? 6  DG  A "C5'" 1 
ATOM   105 C  "C4'" . DG  A 1 6 ? -1.659 4.010  10.154  1.00 33.37 ? 6  DG  A "C4'" 1 
ATOM   106 O  "O4'" . DG  A 1 6 ? -2.046 2.676  9.745   1.00 32.52 ? 6  DG  A "O4'" 1 
ATOM   107 C  "C3'" . DG  A 1 6 ? -0.888 3.665  11.391  1.00 31.83 ? 6  DG  A "C3'" 1 
ATOM   108 O  "O3'" . DG  A 1 6 ? -0.800 4.869  12.101  1.00 40.65 ? 6  DG  A "O3'" 1 
ATOM   109 C  "C2'" . DG  A 1 6 ? -1.864 2.658  12.038  1.00 29.64 ? 6  DG  A "C2'" 1 
ATOM   110 C  "C1'" . DG  A 1 6 ? -2.585 2.011  10.857  1.00 26.60 ? 6  DG  A "C1'" 1 
ATOM   111 N  N9    . DG  A 1 6 ? -2.308 0.583  10.636  1.00 30.86 ? 6  DG  A N9    1 
ATOM   112 C  C8    . DG  A 1 6 ? -3.197 -0.416 10.825  1.00 27.55 ? 6  DG  A C8    1 
ATOM   113 N  N7    . DG  A 1 6 ? -2.712 -1.603 10.572  1.00 28.32 ? 6  DG  A N7    1 
ATOM   114 C  C5    . DG  A 1 6 ? -1.394 -1.458 10.190  1.00 42.46 ? 6  DG  A C5    1 
ATOM   115 C  C6    . DG  A 1 6 ? -0.388 -2.440 9.773   1.00 43.38 ? 6  DG  A C6    1 
ATOM   116 O  O6    . DG  A 1 6 ? -0.375 -3.732 9.632   1.00 26.55 ? 6  DG  A O6    1 
ATOM   117 N  N1    . DG  A 1 6 ? 0.799  -1.757 9.500   1.00 42.70 ? 6  DG  A N1    1 
ATOM   118 C  C2    . DG  A 1 6 ? 1.020  -0.404 9.560   1.00 43.45 ? 6  DG  A C2    1 
ATOM   119 N  N2    . DG  A 1 6 ? 2.284  -0.043 9.238   1.00 23.76 ? 6  DG  A N2    1 
ATOM   120 N  N3    . DG  A 1 6 ? 0.071  0.506  9.881   1.00 37.14 ? 6  DG  A N3    1 
ATOM   121 C  C4    . DG  A 1 6 ? -1.131 -0.076 10.212  1.00 42.32 ? 6  DG  A C4    1 
HETATM 122 P  P     . DCM B 2 . ? -0.627 5.213  13.953  0.50 35.91 ? 7  DCM A P     1 
HETATM 123 O  O1P   . DCM B 2 . ? -0.672 4.005  14.814  0.50 28.82 ? 7  DCM A O1P   1 
HETATM 124 O  O2P   . DCM B 2 . ? 0.353  6.310  14.079  0.50 30.82 ? 7  DCM A O2P   1 
HETATM 125 MN MN    . MN  C 3 . ? 7.135  1.413  -5.802  0.25 35.16 ? 8  MN  A MN    1 
HETATM 126 O  O     . HOH D 4 . ? -1.750 -5.808 10.895  1.00 28.55 ? 9  HOH A O     1 
HETATM 127 O  O     . HOH D 4 . ? 9.801  2.000  -6.090  1.00 30.29 ? 10 HOH A O     1 
HETATM 128 O  O     . HOH D 4 . ? -3.824 3.556  3.404   1.00 28.65 ? 11 HOH A O     1 
HETATM 129 O  O     . HOH D 4 . ? -4.575 -5.631 -7.044  1.00 50.88 ? 12 HOH A O     1 
HETATM 130 O  O     . HOH D 4 . ? -1.296 2.371  1.207   1.00 24.07 ? 13 HOH A O     1 
HETATM 131 O  O     . HOH D 4 . ? 2.860  3.530  8.080   1.00 30.05 ? 14 HOH A O     1 
# 
